data_1V5I
#
_entry.id   1V5I
#
_cell.length_a   77.700
_cell.length_b   71.800
_cell.length_c   94.500
_cell.angle_alpha   90.00
_cell.angle_beta   90.00
_cell.angle_gamma   90.00
#
_symmetry.space_group_name_H-M   'P 21 21 21'
#
loop_
_entity.id
_entity.type
_entity.pdbx_description
1 polymer "Subtilisin BPN'"
2 polymer 'IA-1=serine proteinase inhibitor'
3 non-polymer 'SULFATE ION'
4 non-polymer 'CALCIUM ION'
5 non-polymer GLYCEROL
6 water water
#
loop_
_entity_poly.entity_id
_entity_poly.type
_entity_poly.pdbx_seq_one_letter_code
_entity_poly.pdbx_strand_id
1 'polypeptide(L)'
;AQSVPYGVSQIKAPALHSQGYTGSNVKVAVIDSGIDSSHPDLKVAGGASMVPSETNPFQDNNSHGTHVAGTVAALNNSIG
VLGVAPSASLYAVKVLGADGSGQYSWIINGIEWAIANNMDVINMSLGGPSGSAALKAAVDKAVASGVVVVAAAGNEGTSG
SSSTVGYPGKYPSVIAVGAVDSSNQRASFSSVGPELDVMAPGVSIQSTLPGNKYGAYNGT(CSD)MASPHVAGAAALILS
KHPNWTNTQVRSSLENTTTKLGDSFYYGKGLINVQAAAQ
;
A
2 'polypeptide(L)' SAGKFIVIFKNDVSEDKIRETKDEVIAEGGTITNEYNMPGMKGFAGELTPQSLTKFQGLQGDLIDSIEEDHVAHAY B
#
loop_
_chem_comp.id
_chem_comp.type
_chem_comp.name
_chem_comp.formula
CA non-polymer 'CALCIUM ION' 'Ca 2'
GOL non-polymer GLYCEROL 'C3 H8 O3'
SO4 non-polymer 'SULFATE ION' 'O4 S -2'
#
# COMPACT_ATOMS: atom_id res chain seq x y z
N ALA A 1 11.43 -5.12 -28.43
CA ALA A 1 11.23 -3.66 -28.30
C ALA A 1 10.42 -3.34 -27.05
N GLN A 2 10.59 -2.12 -26.55
CA GLN A 2 9.87 -1.69 -25.35
C GLN A 2 8.62 -0.91 -25.71
N SER A 3 7.55 -1.17 -24.97
CA SER A 3 6.28 -0.48 -25.17
C SER A 3 5.97 0.35 -23.94
N VAL A 4 5.43 1.54 -24.16
CA VAL A 4 5.06 2.41 -23.05
C VAL A 4 3.56 2.26 -22.83
N PRO A 5 3.15 1.63 -21.72
CA PRO A 5 1.72 1.46 -21.47
C PRO A 5 1.00 2.81 -21.52
N TYR A 6 -0.20 2.83 -22.07
CA TYR A 6 -0.96 4.08 -22.21
C TYR A 6 -1.08 4.87 -20.92
N GLY A 7 -1.21 4.17 -19.79
CA GLY A 7 -1.37 4.84 -18.51
C GLY A 7 -0.18 5.68 -18.10
N VAL A 8 1.02 5.21 -18.44
CA VAL A 8 2.24 5.94 -18.11
C VAL A 8 2.26 7.26 -18.87
N SER A 9 1.84 7.23 -20.12
CA SER A 9 1.80 8.44 -20.94
C SER A 9 0.65 9.34 -20.48
N GLN A 10 -0.47 8.72 -20.09
CA GLN A 10 -1.64 9.47 -19.66
C GLN A 10 -1.38 10.38 -18.46
N ILE A 11 -0.56 9.94 -17.53
CA ILE A 11 -0.27 10.76 -16.35
C ILE A 11 0.93 11.69 -16.62
N LYS A 12 1.40 11.66 -17.86
CA LYS A 12 2.51 12.50 -18.33
C LYS A 12 3.89 12.23 -17.71
N ALA A 13 4.17 10.96 -17.41
CA ALA A 13 5.46 10.58 -16.84
C ALA A 13 6.62 10.72 -17.83
N PRO A 14 6.40 10.39 -19.12
CA PRO A 14 7.48 10.50 -20.11
C PRO A 14 8.12 11.87 -20.18
N ALA A 15 7.31 12.91 -19.97
CA ALA A 15 7.84 14.28 -20.01
C ALA A 15 8.93 14.44 -18.97
N LEU A 16 8.72 13.86 -17.79
CA LEU A 16 9.72 13.96 -16.73
C LEU A 16 10.93 13.08 -17.03
N HIS A 17 10.69 11.92 -17.63
CA HIS A 17 11.78 11.02 -17.97
C HIS A 17 12.77 11.72 -18.89
N SER A 18 12.23 12.45 -19.86
CA SER A 18 13.07 13.17 -20.83
C SER A 18 13.89 14.28 -20.17
N GLN A 19 13.47 14.69 -18.98
CA GLN A 19 14.18 15.74 -18.25
C GLN A 19 15.17 15.14 -17.25
N GLY A 20 15.24 13.82 -17.22
CA GLY A 20 16.17 13.15 -16.33
C GLY A 20 15.60 12.72 -15.00
N TYR A 21 14.28 12.85 -14.82
CA TYR A 21 13.65 12.47 -13.57
C TYR A 21 12.96 11.12 -13.77
N THR A 22 13.53 10.09 -13.17
CA THR A 22 13.02 8.73 -13.30
C THR A 22 12.83 7.99 -11.98
N GLY A 23 12.91 8.72 -10.86
CA GLY A 23 12.73 8.10 -9.56
C GLY A 23 13.99 7.53 -8.93
N SER A 24 15.15 7.91 -9.48
CA SER A 24 16.42 7.42 -8.96
C SER A 24 16.59 7.69 -7.48
N ASN A 25 17.04 6.67 -6.75
CA ASN A 25 17.29 6.76 -5.32
C ASN A 25 16.06 6.90 -4.43
N VAL A 26 14.88 6.75 -5.01
CA VAL A 26 13.66 6.82 -4.21
C VAL A 26 13.24 5.39 -3.89
N LYS A 27 13.00 5.11 -2.61
CA LYS A 27 12.63 3.78 -2.18
C LYS A 27 11.13 3.60 -2.11
N VAL A 28 10.62 2.67 -2.91
CA VAL A 28 9.18 2.40 -2.96
C VAL A 28 8.90 0.99 -2.51
N ALA A 29 8.10 0.86 -1.46
CA ALA A 29 7.74 -0.45 -0.95
C ALA A 29 6.41 -0.87 -1.58
N VAL A 30 6.42 -2.00 -2.27
CA VAL A 30 5.23 -2.54 -2.88
C VAL A 30 4.75 -3.59 -1.87
N ILE A 31 3.78 -3.20 -1.06
CA ILE A 31 3.22 -4.08 -0.02
C ILE A 31 2.14 -4.85 -0.76
N ASP A 32 2.47 -6.09 -1.10
CA ASP A 32 1.58 -6.89 -1.92
C ASP A 32 1.88 -8.38 -1.79
N SER A 33 1.73 -9.11 -2.89
CA SER A 33 1.97 -10.56 -2.90
C SER A 33 3.41 -10.96 -3.22
N GLY A 34 4.32 -9.99 -3.12
CA GLY A 34 5.72 -10.24 -3.43
C GLY A 34 6.03 -9.68 -4.80
N ILE A 35 7.27 -9.81 -5.25
CA ILE A 35 7.68 -9.34 -6.57
C ILE A 35 8.66 -10.35 -7.16
N ASP A 36 8.42 -10.79 -8.38
CA ASP A 36 9.33 -11.73 -9.03
C ASP A 36 10.61 -10.97 -9.37
N SER A 37 11.57 -11.07 -8.48
CA SER A 37 12.85 -10.39 -8.62
C SER A 37 13.70 -10.84 -9.81
N SER A 38 13.29 -11.94 -10.44
CA SER A 38 14.04 -12.46 -11.58
C SER A 38 13.55 -11.90 -12.91
N HIS A 39 12.46 -11.15 -12.89
CA HIS A 39 11.93 -10.61 -14.14
C HIS A 39 12.95 -9.72 -14.83
N PRO A 40 13.21 -9.97 -16.13
CA PRO A 40 14.19 -9.17 -16.88
C PRO A 40 13.89 -7.67 -16.89
N ASP A 41 12.62 -7.32 -16.74
CA ASP A 41 12.25 -5.91 -16.78
C ASP A 41 12.05 -5.29 -15.41
N LEU A 42 12.54 -5.95 -14.37
CA LEU A 42 12.44 -5.45 -13.00
C LEU A 42 13.74 -5.62 -12.25
N LYS A 43 14.04 -4.68 -11.38
CA LYS A 43 15.20 -4.76 -10.51
C LYS A 43 14.62 -4.57 -9.12
N VAL A 44 14.86 -5.52 -8.23
CA VAL A 44 14.34 -5.41 -6.87
C VAL A 44 15.51 -5.16 -5.92
N ALA A 45 15.41 -4.09 -5.14
CA ALA A 45 16.47 -3.69 -4.22
C ALA A 45 16.52 -4.43 -2.89
N GLY A 46 15.38 -4.98 -2.47
CA GLY A 46 15.32 -5.69 -1.22
C GLY A 46 13.88 -5.96 -0.83
N GLY A 47 13.64 -6.29 0.42
CA GLY A 47 12.29 -6.58 0.86
C GLY A 47 12.25 -7.56 2.02
N ALA A 48 11.04 -7.98 2.36
CA ALA A 48 10.83 -8.91 3.45
C ALA A 48 9.43 -9.50 3.34
N SER A 49 9.26 -10.72 3.84
CA SER A 49 7.95 -11.35 3.79
C SER A 49 7.34 -11.48 5.17
N MET A 50 6.06 -11.11 5.26
CA MET A 50 5.31 -11.20 6.51
C MET A 50 4.30 -12.33 6.43
N VAL A 51 4.34 -13.11 5.36
CA VAL A 51 3.42 -14.23 5.19
C VAL A 51 4.08 -15.47 5.81
N PRO A 52 3.52 -15.99 6.91
CA PRO A 52 4.05 -17.17 7.60
C PRO A 52 4.42 -18.36 6.73
N SER A 53 3.54 -18.76 5.82
CA SER A 53 3.77 -19.90 4.96
C SER A 53 4.53 -19.62 3.67
N GLU A 54 4.86 -18.36 3.42
CA GLU A 54 5.60 -17.96 2.22
C GLU A 54 6.65 -16.94 2.63
N THR A 55 7.75 -17.44 3.16
CA THR A 55 8.82 -16.59 3.67
C THR A 55 9.71 -15.87 2.66
N ASN A 56 9.58 -16.18 1.37
CA ASN A 56 10.38 -15.55 0.34
C ASN A 56 9.61 -14.42 -0.35
N PRO A 57 9.98 -13.16 -0.07
CA PRO A 57 9.27 -12.02 -0.69
C PRO A 57 9.54 -11.85 -2.18
N PHE A 58 10.55 -12.54 -2.68
CA PHE A 58 10.94 -12.43 -4.08
C PHE A 58 10.34 -13.51 -4.97
N GLN A 59 9.41 -14.25 -4.39
CA GLN A 59 8.68 -15.28 -5.12
C GLN A 59 7.23 -14.84 -5.04
N ASP A 60 6.71 -14.35 -6.16
CA ASP A 60 5.34 -13.89 -6.24
C ASP A 60 4.52 -15.04 -6.78
N ASN A 61 3.83 -15.73 -5.89
CA ASN A 61 3.03 -16.88 -6.26
C ASN A 61 1.62 -16.53 -6.72
N ASN A 62 1.31 -15.24 -6.77
CA ASN A 62 -0.01 -14.80 -7.22
C ASN A 62 0.06 -14.15 -8.60
N SER A 63 0.99 -13.19 -8.75
CA SER A 63 1.26 -12.41 -9.97
C SER A 63 0.93 -10.93 -9.77
N HIS A 64 0.02 -10.68 -8.83
CA HIS A 64 -0.45 -9.33 -8.53
C HIS A 64 0.66 -8.34 -8.16
N GLY A 65 1.49 -8.72 -7.20
CA GLY A 65 2.58 -7.84 -6.76
C GLY A 65 3.56 -7.49 -7.85
N THR A 66 3.85 -8.44 -8.72
CA THR A 66 4.78 -8.22 -9.82
C THR A 66 4.19 -7.24 -10.83
N HIS A 67 2.88 -7.35 -11.06
CA HIS A 67 2.21 -6.45 -11.99
C HIS A 67 2.24 -5.03 -11.44
N VAL A 68 1.88 -4.90 -10.17
CA VAL A 68 1.89 -3.61 -9.51
C VAL A 68 3.29 -2.99 -9.56
N ALA A 69 4.29 -3.82 -9.26
CA ALA A 69 5.68 -3.37 -9.26
C ALA A 69 6.10 -2.84 -10.64
N GLY A 70 5.66 -3.51 -11.69
CA GLY A 70 6.01 -3.09 -13.04
C GLY A 70 5.45 -1.74 -13.40
N THR A 71 4.26 -1.43 -12.89
CA THR A 71 3.65 -0.13 -13.17
C THR A 71 4.47 0.94 -12.45
N VAL A 72 4.96 0.62 -11.26
CA VAL A 72 5.77 1.56 -10.51
C VAL A 72 7.14 1.76 -11.15
N ALA A 73 7.82 0.66 -11.48
CA ALA A 73 9.18 0.79 -11.98
C ALA A 73 9.74 -0.16 -13.04
N ALA A 74 8.93 -0.62 -13.99
CA ALA A 74 9.48 -1.49 -15.03
C ALA A 74 10.66 -0.70 -15.62
N LEU A 75 11.78 -1.38 -15.83
CA LEU A 75 12.99 -0.75 -16.34
C LEU A 75 12.87 -0.08 -17.69
N ASN A 76 13.66 0.98 -17.89
CA ASN A 76 13.64 1.68 -19.17
C ASN A 76 14.79 1.10 -19.98
N ASN A 77 14.44 0.25 -20.94
CA ASN A 77 15.43 -0.42 -21.78
C ASN A 77 14.80 -0.75 -23.12
N SER A 78 15.22 -1.86 -23.74
CA SER A 78 14.69 -2.24 -25.04
C SER A 78 13.72 -3.42 -25.01
N ILE A 79 13.17 -3.73 -23.84
CA ILE A 79 12.23 -4.85 -23.73
C ILE A 79 11.00 -4.48 -22.89
N GLY A 80 10.02 -5.37 -22.91
CA GLY A 80 8.81 -5.19 -22.12
C GLY A 80 8.06 -3.86 -22.09
N VAL A 81 7.82 -3.37 -20.88
CA VAL A 81 7.09 -2.14 -20.69
C VAL A 81 7.94 -1.06 -20.03
N LEU A 82 7.31 -0.01 -19.54
CA LEU A 82 8.05 1.07 -18.90
C LEU A 82 7.26 1.52 -17.68
N GLY A 83 7.93 1.58 -16.53
CA GLY A 83 7.25 2.01 -15.32
C GLY A 83 7.17 3.52 -15.24
N VAL A 84 6.36 4.00 -14.31
CA VAL A 84 6.22 5.43 -14.10
C VAL A 84 7.54 6.01 -13.60
N ALA A 85 8.21 5.26 -12.70
CA ALA A 85 9.49 5.66 -12.13
C ALA A 85 10.46 4.50 -12.37
N PRO A 86 10.92 4.34 -13.62
CA PRO A 86 11.83 3.27 -14.03
C PRO A 86 13.15 3.11 -13.28
N SER A 87 13.58 4.14 -12.55
CA SER A 87 14.84 4.05 -11.80
C SER A 87 14.61 3.93 -10.30
N ALA A 88 13.35 3.84 -9.88
CA ALA A 88 13.05 3.73 -8.46
C ALA A 88 13.59 2.45 -7.86
N SER A 89 13.91 2.48 -6.57
CA SER A 89 14.39 1.30 -5.87
C SER A 89 13.16 0.57 -5.34
N LEU A 90 12.88 -0.59 -5.91
CA LEU A 90 11.72 -1.40 -5.54
C LEU A 90 11.98 -2.35 -4.38
N TYR A 91 11.06 -2.37 -3.43
CA TYR A 91 11.17 -3.27 -2.30
C TYR A 91 9.94 -4.13 -2.25
N ALA A 92 10.15 -5.44 -2.20
CA ALA A 92 9.05 -6.39 -2.14
C ALA A 92 8.71 -6.68 -0.70
N VAL A 93 7.59 -6.14 -0.23
CA VAL A 93 7.14 -6.38 1.13
C VAL A 93 5.92 -7.26 0.99
N LYS A 94 6.15 -8.58 1.08
CA LYS A 94 5.08 -9.54 0.92
C LYS A 94 4.19 -9.71 2.14
N VAL A 95 2.93 -9.32 1.99
CA VAL A 95 1.96 -9.45 3.07
C VAL A 95 0.74 -10.23 2.59
N LEU A 96 0.72 -10.59 1.31
CA LEU A 96 -0.37 -11.37 0.74
C LEU A 96 0.21 -12.66 0.21
N GLY A 97 -0.50 -13.76 0.43
CA GLY A 97 -0.04 -15.05 -0.05
C GLY A 97 -0.47 -15.32 -1.48
N ALA A 98 -0.22 -16.54 -1.93
CA ALA A 98 -0.57 -16.95 -3.29
C ALA A 98 -2.03 -16.69 -3.64
N ASP A 99 -2.92 -16.85 -2.68
CA ASP A 99 -4.34 -16.63 -2.95
C ASP A 99 -4.78 -15.16 -2.92
N GLY A 100 -3.80 -14.27 -2.80
CA GLY A 100 -4.10 -12.84 -2.80
C GLY A 100 -4.64 -12.26 -1.51
N SER A 101 -4.66 -13.06 -0.44
CA SER A 101 -5.17 -12.58 0.85
C SER A 101 -4.08 -12.50 1.89
N GLY A 102 -4.33 -11.69 2.91
CA GLY A 102 -3.37 -11.55 4.00
C GLY A 102 -4.04 -10.95 5.22
N GLN A 103 -3.51 -11.27 6.40
CA GLN A 103 -4.05 -10.75 7.63
C GLN A 103 -3.62 -9.31 7.83
N TYR A 104 -4.48 -8.52 8.45
CA TYR A 104 -4.16 -7.13 8.75
C TYR A 104 -2.90 -7.08 9.60
N SER A 105 -2.71 -8.08 10.47
CA SER A 105 -1.53 -8.11 11.33
C SER A 105 -0.24 -8.21 10.51
N TRP A 106 -0.30 -8.93 9.39
CA TRP A 106 0.87 -9.08 8.53
C TRP A 106 1.12 -7.77 7.80
N ILE A 107 0.04 -7.14 7.34
CA ILE A 107 0.14 -5.88 6.62
C ILE A 107 0.76 -4.83 7.53
N ILE A 108 0.33 -4.79 8.79
CA ILE A 108 0.86 -3.84 9.74
C ILE A 108 2.36 -4.10 9.94
N ASN A 109 2.76 -5.37 9.99
CA ASN A 109 4.18 -5.67 10.17
C ASN A 109 4.95 -5.20 8.93
N GLY A 110 4.29 -5.25 7.78
CA GLY A 110 4.93 -4.80 6.55
C GLY A 110 5.13 -3.29 6.57
N ILE A 111 4.13 -2.57 7.08
CA ILE A 111 4.22 -1.12 7.18
C ILE A 111 5.33 -0.77 8.18
N GLU A 112 5.41 -1.52 9.28
CA GLU A 112 6.46 -1.29 10.26
C GLU A 112 7.84 -1.48 9.62
N TRP A 113 7.98 -2.53 8.81
CA TRP A 113 9.24 -2.79 8.12
C TRP A 113 9.59 -1.62 7.20
N ALA A 114 8.60 -1.13 6.46
CA ALA A 114 8.80 -0.02 5.55
C ALA A 114 9.30 1.22 6.27
N ILE A 115 8.73 1.49 7.45
CA ILE A 115 9.15 2.63 8.24
C ILE A 115 10.58 2.43 8.73
N ALA A 116 10.85 1.24 9.26
CA ALA A 116 12.18 0.92 9.79
C ALA A 116 13.26 0.96 8.71
N ASN A 117 12.89 0.67 7.48
CA ASN A 117 13.86 0.66 6.39
C ASN A 117 13.87 1.93 5.54
N ASN A 118 13.28 2.98 6.09
CA ASN A 118 13.26 4.28 5.45
C ASN A 118 12.67 4.36 4.05
N MET A 119 11.56 3.66 3.82
CA MET A 119 10.91 3.73 2.53
C MET A 119 10.39 5.16 2.33
N ASP A 120 10.42 5.64 1.09
CA ASP A 120 9.94 6.98 0.81
C ASP A 120 8.47 6.93 0.42
N VAL A 121 8.08 5.83 -0.21
CA VAL A 121 6.71 5.64 -0.68
C VAL A 121 6.26 4.22 -0.39
N ILE A 122 4.99 4.07 -0.02
CA ILE A 122 4.38 2.78 0.22
C ILE A 122 3.19 2.66 -0.71
N ASN A 123 3.08 1.53 -1.39
CA ASN A 123 1.92 1.31 -2.25
C ASN A 123 1.20 0.08 -1.73
N MET A 124 -0.09 0.23 -1.49
CA MET A 124 -0.92 -0.89 -1.03
C MET A 124 -2.11 -1.07 -1.96
N SER A 125 -1.90 -1.92 -2.96
CA SER A 125 -2.95 -2.22 -3.94
C SER A 125 -3.75 -3.39 -3.37
N LEU A 126 -4.36 -3.15 -2.23
CA LEU A 126 -5.13 -4.17 -1.54
C LEU A 126 -6.09 -3.49 -0.59
N GLY A 127 -7.02 -4.26 -0.07
CA GLY A 127 -7.97 -3.68 0.86
C GLY A 127 -8.96 -4.68 1.40
N GLY A 128 -9.68 -4.25 2.44
CA GLY A 128 -10.68 -5.06 3.07
C GLY A 128 -11.83 -4.16 3.47
N PRO A 129 -13.03 -4.71 3.70
CA PRO A 129 -14.18 -3.89 4.09
C PRO A 129 -14.23 -3.55 5.59
N SER A 130 -13.45 -4.25 6.38
CA SER A 130 -13.45 -4.03 7.83
C SER A 130 -12.46 -2.98 8.31
N GLY A 131 -12.96 -2.06 9.14
CA GLY A 131 -12.12 -1.03 9.69
C GLY A 131 -11.22 -1.65 10.74
N SER A 132 -10.09 -0.99 11.03
CA SER A 132 -9.14 -1.49 12.00
C SER A 132 -8.39 -0.35 12.66
N ALA A 133 -8.47 -0.30 13.99
CA ALA A 133 -7.79 0.74 14.74
C ALA A 133 -6.27 0.60 14.59
N ALA A 134 -5.80 -0.64 14.62
CA ALA A 134 -4.36 -0.89 14.48
C ALA A 134 -3.87 -0.56 13.09
N LEU A 135 -4.65 -0.89 12.08
CA LEU A 135 -4.25 -0.60 10.70
C LEU A 135 -4.19 0.91 10.50
N LYS A 136 -5.16 1.64 11.06
CA LYS A 136 -5.17 3.08 10.94
C LYS A 136 -3.95 3.65 11.64
N ALA A 137 -3.65 3.14 12.83
CA ALA A 137 -2.49 3.60 13.58
C ALA A 137 -1.21 3.39 12.78
N ALA A 138 -1.14 2.26 12.08
CA ALA A 138 0.03 1.94 11.28
C ALA A 138 0.22 2.89 10.09
N VAL A 139 -0.82 3.13 9.32
CA VAL A 139 -0.68 4.03 8.18
C VAL A 139 -0.46 5.46 8.67
N ASP A 140 -1.12 5.84 9.76
CA ASP A 140 -0.93 7.18 10.31
C ASP A 140 0.52 7.32 10.76
N LYS A 141 1.07 6.28 11.36
CA LYS A 141 2.45 6.32 11.82
C LYS A 141 3.42 6.45 10.64
N ALA A 142 3.14 5.73 9.55
CA ALA A 142 4.00 5.81 8.38
C ALA A 142 4.00 7.23 7.83
N VAL A 143 2.82 7.83 7.74
CA VAL A 143 2.70 9.19 7.24
C VAL A 143 3.38 10.17 8.20
N ALA A 144 3.21 9.95 9.50
CA ALA A 144 3.85 10.81 10.49
C ALA A 144 5.37 10.69 10.39
N SER A 145 5.83 9.53 9.94
CA SER A 145 7.26 9.27 9.80
C SER A 145 7.80 9.83 8.49
N GLY A 146 6.93 10.39 7.66
CA GLY A 146 7.36 10.98 6.41
C GLY A 146 7.15 10.19 5.13
N VAL A 147 6.52 9.04 5.23
CA VAL A 147 6.27 8.20 4.06
C VAL A 147 5.02 8.61 3.29
N VAL A 148 5.10 8.61 1.96
CA VAL A 148 3.95 8.91 1.12
C VAL A 148 3.24 7.56 1.02
N VAL A 149 2.01 7.48 1.55
CA VAL A 149 1.25 6.24 1.54
C VAL A 149 0.11 6.30 0.52
N VAL A 150 0.15 5.37 -0.43
CA VAL A 150 -0.83 5.30 -1.51
C VAL A 150 -1.52 3.95 -1.48
N ALA A 151 -2.82 3.93 -1.74
CA ALA A 151 -3.56 2.68 -1.74
C ALA A 151 -4.69 2.67 -2.76
N ALA A 152 -5.07 1.49 -3.19
CA ALA A 152 -6.17 1.35 -4.13
C ALA A 152 -7.44 1.73 -3.39
N ALA A 153 -8.35 2.41 -4.06
CA ALA A 153 -9.60 2.83 -3.43
C ALA A 153 -10.53 1.63 -3.24
N GLY A 154 -10.40 0.64 -4.11
CA GLY A 154 -11.24 -0.53 -4.04
C GLY A 154 -11.99 -0.72 -5.35
N ASN A 155 -12.50 -1.92 -5.57
CA ASN A 155 -13.22 -2.22 -6.82
C ASN A 155 -14.65 -2.63 -6.51
N GLU A 156 -15.29 -1.91 -5.60
CA GLU A 156 -16.65 -2.22 -5.18
C GLU A 156 -17.74 -1.43 -5.90
N GLY A 157 -17.33 -0.65 -6.90
CA GLY A 157 -18.30 0.13 -7.65
C GLY A 157 -19.12 1.09 -6.82
N THR A 158 -20.36 1.33 -7.22
CA THR A 158 -21.22 2.25 -6.50
C THR A 158 -22.27 1.52 -5.66
N SER A 159 -22.80 2.25 -4.67
CA SER A 159 -23.82 1.72 -3.78
C SER A 159 -24.66 2.89 -3.28
N GLY A 160 -25.35 3.53 -4.22
CA GLY A 160 -26.18 4.67 -3.87
C GLY A 160 -25.32 5.85 -3.48
N SER A 161 -25.59 6.42 -2.30
CA SER A 161 -24.81 7.56 -1.82
C SER A 161 -23.81 7.11 -0.78
N SER A 162 -23.68 5.80 -0.59
CA SER A 162 -22.76 5.25 0.39
C SER A 162 -21.35 5.09 -0.16
N SER A 163 -20.36 5.30 0.70
CA SER A 163 -18.96 5.14 0.30
C SER A 163 -18.67 3.66 0.14
N THR A 164 -17.86 3.31 -0.87
CA THR A 164 -17.51 1.93 -1.09
C THR A 164 -15.99 1.77 -1.05
N VAL A 165 -15.31 2.82 -0.60
CA VAL A 165 -13.85 2.80 -0.50
C VAL A 165 -13.45 1.84 0.62
N GLY A 166 -12.50 0.96 0.34
CA GLY A 166 -12.07 0.01 1.34
C GLY A 166 -10.91 0.50 2.18
N TYR A 167 -10.54 -0.31 3.16
CA TYR A 167 -9.43 0.00 4.06
C TYR A 167 -8.19 -0.70 3.51
N PRO A 168 -7.00 -0.09 3.65
CA PRO A 168 -6.67 1.20 4.27
C PRO A 168 -6.93 2.47 3.45
N GLY A 169 -7.38 2.32 2.22
CA GLY A 169 -7.62 3.50 1.39
C GLY A 169 -8.54 4.52 2.01
N LYS A 170 -9.50 4.06 2.80
CA LYS A 170 -10.50 4.92 3.43
C LYS A 170 -9.94 5.87 4.51
N TYR A 171 -8.75 5.56 5.04
CA TYR A 171 -8.16 6.41 6.08
C TYR A 171 -7.67 7.74 5.49
N PRO A 172 -7.95 8.85 6.19
CA PRO A 172 -7.53 10.18 5.72
C PRO A 172 -6.05 10.35 5.41
N SER A 173 -5.18 9.68 6.17
CA SER A 173 -3.75 9.80 5.95
C SER A 173 -3.28 9.15 4.66
N VAL A 174 -4.12 8.28 4.10
CA VAL A 174 -3.80 7.57 2.88
C VAL A 174 -4.37 8.21 1.63
N ILE A 175 -3.61 8.15 0.54
CA ILE A 175 -4.06 8.69 -0.74
C ILE A 175 -4.80 7.53 -1.41
N ALA A 176 -6.13 7.62 -1.48
CA ALA A 176 -6.95 6.58 -2.10
C ALA A 176 -7.06 6.86 -3.59
N VAL A 177 -6.70 5.87 -4.40
CA VAL A 177 -6.70 6.02 -5.84
C VAL A 177 -7.77 5.24 -6.58
N GLY A 178 -8.56 5.96 -7.37
CA GLY A 178 -9.61 5.36 -8.16
C GLY A 178 -9.11 5.08 -9.55
N ALA A 179 -9.90 4.37 -10.35
CA ALA A 179 -9.47 4.01 -11.70
C ALA A 179 -10.29 4.58 -12.84
N VAL A 180 -9.59 5.07 -13.87
CA VAL A 180 -10.23 5.59 -15.08
C VAL A 180 -9.65 4.81 -16.25
N ASP A 181 -10.28 4.93 -17.42
CA ASP A 181 -9.78 4.28 -18.61
C ASP A 181 -9.01 5.31 -19.44
N SER A 182 -8.64 4.95 -20.66
CA SER A 182 -7.87 5.85 -21.51
C SER A 182 -8.64 7.10 -21.95
N SER A 183 -9.95 7.12 -21.70
CA SER A 183 -10.78 8.26 -22.06
C SER A 183 -11.11 9.09 -20.82
N ASN A 184 -10.42 8.80 -19.72
CA ASN A 184 -10.62 9.48 -18.46
C ASN A 184 -12.00 9.24 -17.84
N GLN A 185 -12.65 8.16 -18.28
CA GLN A 185 -13.95 7.81 -17.74
C GLN A 185 -13.73 6.85 -16.59
N ARG A 186 -14.44 7.08 -15.49
CA ARG A 186 -14.32 6.23 -14.31
C ARG A 186 -14.71 4.79 -14.66
N ALA A 187 -13.90 3.84 -14.19
CA ALA A 187 -14.20 2.44 -14.44
C ALA A 187 -15.42 2.09 -13.59
N SER A 188 -16.33 1.30 -14.15
CA SER A 188 -17.54 0.93 -13.43
C SER A 188 -17.29 0.33 -12.05
N PHE A 189 -16.17 -0.39 -11.91
CA PHE A 189 -15.84 -1.05 -10.65
C PHE A 189 -15.12 -0.17 -9.63
N SER A 190 -14.61 0.97 -10.08
CA SER A 190 -13.86 1.86 -9.18
C SER A 190 -14.70 2.31 -7.99
N SER A 191 -14.21 2.05 -6.78
CA SER A 191 -14.92 2.45 -5.58
C SER A 191 -15.13 3.96 -5.53
N VAL A 192 -16.16 4.39 -4.82
CA VAL A 192 -16.51 5.79 -4.72
C VAL A 192 -16.73 6.23 -3.28
N GLY A 193 -16.78 7.54 -3.08
CA GLY A 193 -17.00 8.09 -1.75
C GLY A 193 -16.15 9.30 -1.49
N PRO A 194 -16.40 10.01 -0.39
CA PRO A 194 -15.63 11.22 -0.06
C PRO A 194 -14.17 10.92 0.25
N GLU A 195 -13.86 9.65 0.48
CA GLU A 195 -12.48 9.25 0.80
C GLU A 195 -11.63 9.06 -0.46
N LEU A 196 -12.27 9.12 -1.62
CA LEU A 196 -11.55 8.98 -2.89
C LEU A 196 -10.73 10.26 -3.07
N ASP A 197 -9.42 10.12 -3.33
CA ASP A 197 -8.56 11.29 -3.49
C ASP A 197 -8.20 11.66 -4.92
N VAL A 198 -7.67 10.70 -5.68
CA VAL A 198 -7.29 10.97 -7.05
C VAL A 198 -7.56 9.75 -7.92
N MET A 199 -7.44 9.95 -9.24
CA MET A 199 -7.68 8.88 -10.19
C MET A 199 -6.42 8.64 -11.03
N ALA A 200 -6.28 7.41 -11.51
CA ALA A 200 -5.16 7.04 -12.36
C ALA A 200 -5.67 5.92 -13.25
N PRO A 201 -4.96 5.65 -14.37
CA PRO A 201 -5.38 4.58 -15.28
C PRO A 201 -5.46 3.24 -14.56
N GLY A 202 -6.59 2.55 -14.70
CA GLY A 202 -6.76 1.27 -14.05
C GLY A 202 -7.50 0.24 -14.89
N VAL A 203 -7.60 0.51 -16.18
CA VAL A 203 -8.29 -0.41 -17.09
C VAL A 203 -7.33 -0.95 -18.15
N SER A 204 -7.24 -2.28 -18.22
CA SER A 204 -6.36 -2.93 -19.19
C SER A 204 -4.96 -2.37 -19.13
N ILE A 205 -4.38 -2.40 -17.93
CA ILE A 205 -3.03 -1.89 -17.67
C ILE A 205 -2.00 -2.98 -17.92
N GLN A 206 -1.17 -2.78 -18.93
CA GLN A 206 -0.10 -3.72 -19.27
C GLN A 206 1.06 -3.55 -18.31
N SER A 207 1.53 -4.66 -17.76
CA SER A 207 2.68 -4.62 -16.86
C SER A 207 3.36 -5.97 -16.82
N THR A 208 4.38 -6.06 -15.98
CA THR A 208 5.16 -7.27 -15.80
C THR A 208 4.44 -8.37 -15.01
N LEU A 209 4.63 -9.61 -15.44
CA LEU A 209 4.03 -10.76 -14.76
C LEU A 209 5.14 -11.79 -14.55
N PRO A 210 5.06 -12.60 -13.48
CA PRO A 210 6.09 -13.60 -13.21
C PRO A 210 6.44 -14.53 -14.38
N GLY A 211 7.71 -14.91 -14.45
CA GLY A 211 8.15 -15.79 -15.51
C GLY A 211 8.41 -15.09 -16.84
N ASN A 212 8.95 -13.88 -16.77
CA ASN A 212 9.27 -13.11 -17.97
C ASN A 212 8.04 -12.93 -18.86
N LYS A 213 6.92 -12.54 -18.26
CA LYS A 213 5.69 -12.34 -19.00
C LYS A 213 5.19 -10.91 -18.83
N TYR A 214 4.15 -10.57 -19.58
CA TYR A 214 3.53 -9.26 -19.52
C TYR A 214 2.05 -9.46 -19.77
N GLY A 215 1.21 -8.58 -19.24
CA GLY A 215 -0.21 -8.73 -19.45
C GLY A 215 -1.02 -7.56 -18.92
N ALA A 216 -2.26 -7.45 -19.40
CA ALA A 216 -3.15 -6.36 -19.00
C ALA A 216 -4.12 -6.79 -17.92
N TYR A 217 -4.10 -6.08 -16.80
CA TYR A 217 -4.96 -6.33 -15.65
C TYR A 217 -5.87 -5.11 -15.40
N ASN A 218 -7.01 -5.36 -14.77
CA ASN A 218 -7.96 -4.30 -14.40
C ASN A 218 -7.99 -4.12 -12.89
N GLY A 219 -8.19 -2.87 -12.45
CA GLY A 219 -8.29 -2.63 -11.03
C GLY A 219 -7.74 -1.32 -10.51
N THR A 220 -8.32 -0.84 -9.41
CA THR A 220 -7.81 0.36 -8.78
C THR A 220 -6.45 -0.05 -8.19
N CSD A 221 -6.22 -1.39 -8.04
CA CSD A 221 -4.90 -1.92 -7.70
CB CSD A 221 -5.04 -3.45 -7.76
SG CSD A 221 -6.37 -4.13 -6.69
C CSD A 221 -3.82 -1.73 -8.81
O CSD A 221 -2.65 -1.67 -8.44
OD1 CSD A 221 -7.46 -3.91 -7.66
OD2 CSD A 221 -6.17 -5.58 -6.81
N MET A 222 -4.22 -1.43 -10.04
CA MET A 222 -3.37 -1.00 -11.15
C MET A 222 -3.24 0.52 -11.19
N ALA A 223 -4.23 1.22 -10.68
CA ALA A 223 -4.21 2.68 -10.69
C ALA A 223 -3.26 3.19 -9.60
N SER A 224 -3.37 2.61 -8.41
CA SER A 224 -2.56 3.00 -7.28
C SER A 224 -1.05 3.13 -7.59
N PRO A 225 -0.43 2.11 -8.20
CA PRO A 225 1.00 2.23 -8.48
C PRO A 225 1.38 3.37 -9.41
N HIS A 226 0.43 3.87 -10.21
CA HIS A 226 0.74 5.00 -11.08
C HIS A 226 1.02 6.19 -10.17
N VAL A 227 0.23 6.30 -9.10
CA VAL A 227 0.39 7.41 -8.16
C VAL A 227 1.63 7.20 -7.27
N ALA A 228 1.90 5.97 -6.88
CA ALA A 228 3.08 5.69 -6.07
C ALA A 228 4.31 6.02 -6.91
N GLY A 229 4.28 5.62 -8.17
CA GLY A 229 5.40 5.92 -9.06
C GLY A 229 5.51 7.42 -9.27
N ALA A 230 4.37 8.10 -9.37
CA ALA A 230 4.37 9.54 -9.56
C ALA A 230 5.05 10.22 -8.37
N ALA A 231 4.75 9.73 -7.17
CA ALA A 231 5.37 10.29 -5.97
C ALA A 231 6.88 10.12 -6.06
N ALA A 232 7.34 8.99 -6.59
CA ALA A 232 8.77 8.75 -6.71
C ALA A 232 9.40 9.70 -7.72
N LEU A 233 8.70 9.99 -8.82
CA LEU A 233 9.24 10.91 -9.81
C LEU A 233 9.39 12.28 -9.18
N ILE A 234 8.36 12.71 -8.45
CA ILE A 234 8.39 14.00 -7.78
C ILE A 234 9.56 14.10 -6.81
N LEU A 235 9.76 13.05 -6.01
CA LEU A 235 10.85 13.04 -5.05
C LEU A 235 12.22 12.98 -5.72
N SER A 236 12.30 12.45 -6.93
CA SER A 236 13.59 12.38 -7.60
C SER A 236 14.00 13.77 -8.08
N LYS A 237 13.02 14.67 -8.23
CA LYS A 237 13.31 16.03 -8.65
C LYS A 237 13.41 16.93 -7.41
N HIS A 238 12.55 16.67 -6.42
CA HIS A 238 12.53 17.45 -5.19
C HIS A 238 12.73 16.49 -4.02
N PRO A 239 13.96 15.95 -3.87
CA PRO A 239 14.27 15.02 -2.79
C PRO A 239 14.07 15.55 -1.37
N ASN A 240 14.01 16.86 -1.22
CA ASN A 240 13.85 17.45 0.10
C ASN A 240 12.40 17.74 0.50
N TRP A 241 11.47 17.51 -0.43
CA TRP A 241 10.05 17.74 -0.14
C TRP A 241 9.53 16.72 0.85
N THR A 242 8.65 17.15 1.75
CA THR A 242 8.06 16.24 2.73
C THR A 242 6.94 15.51 1.99
N ASN A 243 6.43 14.44 2.60
CA ASN A 243 5.33 13.73 1.98
C ASN A 243 4.14 14.67 1.83
N THR A 244 4.01 15.62 2.76
CA THR A 244 2.91 16.59 2.71
C THR A 244 3.03 17.42 1.43
N GLN A 245 4.26 17.84 1.11
CA GLN A 245 4.49 18.63 -0.09
C GLN A 245 4.23 17.81 -1.35
N VAL A 246 4.64 16.55 -1.33
CA VAL A 246 4.43 15.68 -2.48
C VAL A 246 2.94 15.46 -2.71
N ARG A 247 2.22 15.11 -1.64
CA ARG A 247 0.80 14.86 -1.75
C ARG A 247 0.05 16.11 -2.18
N SER A 248 0.37 17.25 -1.56
CA SER A 248 -0.30 18.49 -1.91
C SER A 248 -0.15 18.82 -3.38
N SER A 249 1.07 18.67 -3.92
CA SER A 249 1.30 18.97 -5.32
C SER A 249 0.52 18.03 -6.24
N LEU A 250 0.52 16.74 -5.91
CA LEU A 250 -0.20 15.76 -6.71
C LEU A 250 -1.69 16.07 -6.75
N GLU A 251 -2.27 16.41 -5.60
CA GLU A 251 -3.69 16.70 -5.54
C GLU A 251 -4.09 18.07 -6.10
N ASN A 252 -3.15 19.01 -6.10
CA ASN A 252 -3.44 20.36 -6.57
C ASN A 252 -3.19 20.54 -8.08
N THR A 253 -2.58 19.56 -8.72
CA THR A 253 -2.29 19.66 -10.16
C THR A 253 -3.04 18.63 -11.00
N THR A 254 -4.06 18.02 -10.44
CA THR A 254 -4.85 17.04 -11.17
C THR A 254 -5.64 17.71 -12.30
N THR A 255 -6.05 16.89 -13.25
CA THR A 255 -6.88 17.36 -14.35
C THR A 255 -8.27 17.03 -13.81
N LYS A 256 -9.04 18.05 -13.49
CA LYS A 256 -10.38 17.85 -12.95
C LYS A 256 -11.26 17.06 -13.89
N LEU A 257 -11.98 16.09 -13.33
CA LEU A 257 -12.89 15.26 -14.12
C LEU A 257 -14.31 15.44 -13.60
N GLY A 258 -14.98 14.34 -13.28
CA GLY A 258 -16.36 14.44 -12.79
C GLY A 258 -16.47 14.81 -11.33
N ASP A 259 -17.66 14.60 -10.77
CA ASP A 259 -17.92 14.89 -9.36
C ASP A 259 -16.90 14.18 -8.48
N SER A 260 -16.44 14.86 -7.44
CA SER A 260 -15.45 14.32 -6.52
C SER A 260 -15.85 13.00 -5.85
N PHE A 261 -17.15 12.78 -5.69
CA PHE A 261 -17.61 11.55 -5.07
C PHE A 261 -17.18 10.35 -5.92
N TYR A 262 -17.10 10.57 -7.22
CA TYR A 262 -16.73 9.53 -8.16
C TYR A 262 -15.33 9.63 -8.75
N TYR A 263 -14.78 10.85 -8.79
CA TYR A 263 -13.45 11.06 -9.36
C TYR A 263 -12.44 11.70 -8.43
N GLY A 264 -12.83 11.96 -7.19
CA GLY A 264 -11.91 12.62 -6.29
C GLY A 264 -11.51 13.93 -6.93
N LYS A 265 -10.24 14.31 -6.82
CA LYS A 265 -9.78 15.56 -7.40
C LYS A 265 -9.49 15.46 -8.89
N GLY A 266 -9.59 14.25 -9.43
CA GLY A 266 -9.33 14.07 -10.85
C GLY A 266 -8.12 13.21 -11.16
N LEU A 267 -7.72 13.23 -12.43
CA LEU A 267 -6.57 12.46 -12.91
C LEU A 267 -5.25 13.12 -12.56
N ILE A 268 -4.33 12.37 -11.97
CA ILE A 268 -3.04 12.97 -11.64
C ILE A 268 -2.28 13.33 -12.90
N ASN A 269 -1.45 14.37 -12.78
CA ASN A 269 -0.61 14.86 -13.86
C ASN A 269 0.73 15.04 -13.16
N VAL A 270 1.60 14.04 -13.28
CA VAL A 270 2.88 14.11 -12.61
C VAL A 270 3.82 15.17 -13.17
N GLN A 271 3.68 15.51 -14.45
CA GLN A 271 4.53 16.55 -15.02
C GLN A 271 4.23 17.86 -14.30
N ALA A 272 2.94 18.15 -14.12
CA ALA A 272 2.54 19.38 -13.44
C ALA A 272 2.90 19.31 -11.95
N ALA A 273 2.68 18.15 -11.35
CA ALA A 273 2.98 17.97 -9.93
C ALA A 273 4.47 18.14 -9.61
N ALA A 274 5.32 17.88 -10.60
CA ALA A 274 6.76 18.01 -10.42
C ALA A 274 7.19 19.48 -10.43
N GLN A 275 6.25 20.35 -10.77
CA GLN A 275 6.49 21.79 -10.81
C GLN A 275 7.79 22.18 -11.53
N SER B 1 -9.37 -21.31 21.75
CA SER B 1 -8.97 -19.93 21.35
C SER B 1 -10.17 -19.07 21.00
N ALA B 2 -10.12 -17.80 21.38
CA ALA B 2 -11.21 -16.88 21.10
C ALA B 2 -11.05 -16.30 19.70
N GLY B 3 -9.90 -16.60 19.07
CA GLY B 3 -9.65 -16.11 17.73
C GLY B 3 -8.36 -15.33 17.61
N LYS B 4 -8.14 -14.74 16.44
CA LYS B 4 -6.94 -13.95 16.17
C LYS B 4 -7.23 -12.48 16.42
N PHE B 5 -6.36 -11.83 17.18
CA PHE B 5 -6.55 -10.42 17.51
C PHE B 5 -5.28 -9.60 17.35
N ILE B 6 -5.46 -8.29 17.35
CA ILE B 6 -4.36 -7.35 17.26
C ILE B 6 -4.53 -6.44 18.47
N VAL B 7 -3.47 -6.31 19.25
CA VAL B 7 -3.49 -5.51 20.46
C VAL B 7 -2.44 -4.40 20.41
N ILE B 8 -2.86 -3.17 20.68
CA ILE B 8 -1.96 -2.04 20.69
C ILE B 8 -1.96 -1.48 22.10
N PHE B 9 -0.76 -1.31 22.67
CA PHE B 9 -0.61 -0.79 24.03
C PHE B 9 -0.72 0.73 24.11
N LYS B 10 -1.04 1.23 25.29
CA LYS B 10 -1.08 2.66 25.51
C LYS B 10 0.41 2.99 25.51
N ASN B 11 0.78 4.20 25.11
CA ASN B 11 2.19 4.54 25.03
C ASN B 11 2.95 4.77 26.33
N ASP B 12 2.26 4.75 27.47
CA ASP B 12 2.96 4.94 28.74
C ASP B 12 3.22 3.61 29.43
N VAL B 13 2.96 2.51 28.73
CA VAL B 13 3.19 1.18 29.27
C VAL B 13 4.67 0.83 29.13
N SER B 14 5.28 0.40 30.23
CA SER B 14 6.70 0.06 30.24
C SER B 14 7.04 -1.17 29.42
N GLU B 15 8.32 -1.31 29.09
CA GLU B 15 8.79 -2.45 28.32
C GLU B 15 8.62 -3.74 29.09
N ASP B 16 8.83 -3.69 30.40
CA ASP B 16 8.67 -4.88 31.23
C ASP B 16 7.22 -5.34 31.21
N LYS B 17 6.29 -4.40 31.30
CA LYS B 17 4.87 -4.71 31.29
C LYS B 17 4.46 -5.30 29.94
N ILE B 18 5.03 -4.75 28.87
CA ILE B 18 4.73 -5.24 27.52
C ILE B 18 5.18 -6.69 27.42
N ARG B 19 6.38 -6.97 27.87
CA ARG B 19 6.92 -8.33 27.84
C ARG B 19 6.07 -9.24 28.71
N GLU B 20 5.74 -8.77 29.91
CA GLU B 20 4.93 -9.53 30.85
C GLU B 20 3.58 -9.90 30.25
N THR B 21 2.98 -8.94 29.55
CA THR B 21 1.68 -9.15 28.93
C THR B 21 1.71 -10.26 27.90
N LYS B 22 2.71 -10.23 27.02
CA LYS B 22 2.83 -11.24 25.99
C LYS B 22 3.16 -12.61 26.57
N ASP B 23 4.01 -12.65 27.59
CA ASP B 23 4.34 -13.94 28.20
C ASP B 23 3.07 -14.54 28.79
N GLU B 24 2.21 -13.68 29.34
CA GLU B 24 0.96 -14.12 29.94
C GLU B 24 0.01 -14.68 28.88
N VAL B 25 -0.06 -14.03 27.73
CA VAL B 25 -0.91 -14.50 26.65
C VAL B 25 -0.56 -15.95 26.31
N ILE B 26 0.73 -16.23 26.24
CA ILE B 26 1.21 -17.56 25.93
C ILE B 26 0.94 -18.53 27.09
N ALA B 27 1.17 -18.06 28.31
CA ALA B 27 0.95 -18.89 29.51
C ALA B 27 -0.50 -19.33 29.62
N GLU B 28 -1.42 -18.47 29.20
CA GLU B 28 -2.85 -18.78 29.26
C GLU B 28 -3.26 -19.77 28.18
N GLY B 29 -2.42 -19.89 27.14
CA GLY B 29 -2.73 -20.81 26.06
C GLY B 29 -2.87 -20.12 24.71
N GLY B 30 -2.46 -18.86 24.65
CA GLY B 30 -2.54 -18.11 23.40
C GLY B 30 -1.23 -18.12 22.66
N THR B 31 -1.12 -17.29 21.62
CA THR B 31 0.12 -17.20 20.84
C THR B 31 0.45 -15.75 20.48
N ILE B 32 1.68 -15.54 20.04
CA ILE B 32 2.14 -14.23 19.60
C ILE B 32 2.65 -14.48 18.19
N THR B 33 1.96 -13.93 17.20
CA THR B 33 2.34 -14.13 15.80
C THR B 33 3.01 -12.94 15.13
N ASN B 34 2.95 -11.78 15.77
CA ASN B 34 3.60 -10.58 15.27
C ASN B 34 3.76 -9.62 16.43
N GLU B 35 4.82 -8.82 16.38
CA GLU B 35 5.09 -7.85 17.42
C GLU B 35 5.42 -6.53 16.74
N TYR B 36 4.93 -5.44 17.32
CA TYR B 36 5.15 -4.11 16.77
C TYR B 36 5.89 -3.27 17.79
N ASN B 37 6.97 -2.63 17.34
CA ASN B 37 7.79 -1.79 18.21
C ASN B 37 8.24 -0.54 17.48
N MET B 38 7.31 0.39 17.30
CA MET B 38 7.60 1.65 16.62
C MET B 38 7.44 2.78 17.64
N PRO B 39 8.11 3.91 17.40
CA PRO B 39 7.93 4.99 18.37
C PRO B 39 6.46 5.41 18.35
N GLY B 40 5.81 5.36 19.51
CA GLY B 40 4.41 5.74 19.55
C GLY B 40 3.43 4.66 19.15
N MET B 41 3.92 3.47 18.81
CA MET B 41 3.03 2.38 18.44
C MET B 41 3.64 1.02 18.75
N LYS B 42 3.23 0.46 19.88
CA LYS B 42 3.72 -0.83 20.32
C LYS B 42 2.55 -1.76 20.51
N GLY B 43 2.72 -3.02 20.13
CA GLY B 43 1.63 -3.97 20.26
C GLY B 43 2.03 -5.32 19.73
N PHE B 44 1.03 -6.16 19.48
CA PHE B 44 1.29 -7.50 18.98
C PHE B 44 0.01 -8.09 18.41
N ALA B 45 0.16 -9.24 17.76
CA ALA B 45 -0.97 -9.95 17.19
C ALA B 45 -0.81 -11.39 17.61
N GLY B 46 -1.92 -12.11 17.69
CA GLY B 46 -1.84 -13.51 18.08
C GLY B 46 -3.19 -14.07 18.43
N GLU B 47 -3.20 -15.36 18.77
CA GLU B 47 -4.43 -16.03 19.15
C GLU B 47 -4.60 -15.80 20.64
N LEU B 48 -5.80 -15.41 21.05
CA LEU B 48 -6.05 -15.15 22.46
C LEU B 48 -7.10 -16.07 23.04
N THR B 49 -6.88 -16.52 24.26
CA THR B 49 -7.87 -17.35 24.93
C THR B 49 -8.93 -16.34 25.35
N PRO B 50 -10.15 -16.80 25.65
CA PRO B 50 -11.20 -15.87 26.06
C PRO B 50 -10.82 -15.01 27.26
N GLN B 51 -10.18 -15.61 28.27
CA GLN B 51 -9.80 -14.85 29.46
C GLN B 51 -8.83 -13.72 29.14
N SER B 52 -7.98 -13.91 28.14
CA SER B 52 -7.04 -12.86 27.76
C SER B 52 -7.78 -11.76 27.03
N LEU B 53 -8.68 -12.16 26.13
CA LEU B 53 -9.47 -11.22 25.36
C LEU B 53 -10.26 -10.30 26.28
N THR B 54 -11.01 -10.88 27.21
CA THR B 54 -11.81 -10.05 28.11
C THR B 54 -10.94 -9.19 29.03
N LYS B 55 -9.79 -9.71 29.44
CA LYS B 55 -8.91 -8.93 30.30
C LYS B 55 -8.44 -7.68 29.56
N PHE B 56 -8.01 -7.86 28.31
CA PHE B 56 -7.54 -6.73 27.51
C PHE B 56 -8.68 -5.74 27.23
N GLN B 57 -9.87 -6.26 26.96
CA GLN B 57 -11.00 -5.38 26.70
C GLN B 57 -11.31 -4.57 27.95
N GLY B 58 -11.18 -5.20 29.11
CA GLY B 58 -11.44 -4.50 30.36
C GLY B 58 -10.37 -3.48 30.68
N LEU B 59 -9.15 -3.71 30.19
CA LEU B 59 -8.03 -2.81 30.45
C LEU B 59 -7.90 -1.72 29.37
N GLN B 60 -8.94 -1.57 28.57
CA GLN B 60 -8.98 -0.55 27.53
C GLN B 60 -8.86 0.80 28.22
N GLY B 61 -7.93 1.64 27.75
CA GLY B 61 -7.74 2.95 28.35
C GLY B 61 -6.67 2.96 29.43
N ASP B 62 -6.24 1.78 29.85
CA ASP B 62 -5.22 1.65 30.87
C ASP B 62 -3.97 1.02 30.24
N LEU B 63 -4.01 -0.28 30.05
CA LEU B 63 -2.90 -1.00 29.45
C LEU B 63 -3.05 -1.03 27.93
N ILE B 64 -4.30 -1.11 27.48
CA ILE B 64 -4.62 -1.23 26.06
C ILE B 64 -5.19 0.01 25.37
N ASP B 65 -4.66 0.33 24.19
CA ASP B 65 -5.17 1.46 23.42
C ASP B 65 -6.27 0.90 22.53
N SER B 66 -6.05 -0.32 22.02
CA SER B 66 -7.03 -0.96 21.16
C SER B 66 -6.82 -2.46 21.09
N ILE B 67 -7.92 -3.19 20.97
CA ILE B 67 -7.89 -4.64 20.81
C ILE B 67 -9.00 -4.92 19.81
N GLU B 68 -8.65 -5.62 18.74
CA GLU B 68 -9.59 -5.90 17.66
C GLU B 68 -9.31 -7.26 17.04
N GLU B 69 -10.29 -7.76 16.30
CA GLU B 69 -10.13 -9.02 15.60
C GLU B 69 -9.17 -8.75 14.44
N ASP B 70 -8.36 -9.74 14.09
CA ASP B 70 -7.39 -9.63 13.00
C ASP B 70 -8.11 -9.92 11.68
N HIS B 71 -8.42 -8.87 10.93
CA HIS B 71 -9.15 -9.01 9.67
C HIS B 71 -8.29 -9.44 8.50
N VAL B 72 -8.94 -9.69 7.37
CA VAL B 72 -8.26 -10.11 6.17
C VAL B 72 -8.45 -9.13 5.02
N ALA B 73 -7.36 -8.83 4.31
CA ALA B 73 -7.41 -7.94 3.16
C ALA B 73 -7.12 -8.77 1.93
N HIS B 74 -7.55 -8.28 0.77
CA HIS B 74 -7.33 -9.00 -0.49
C HIS B 74 -6.81 -8.10 -1.59
N ALA B 75 -6.15 -8.73 -2.55
CA ALA B 75 -5.62 -8.04 -3.72
C ALA B 75 -6.65 -8.10 -4.84
N TYR B 76 -7.83 -7.54 -4.59
CA TYR B 76 -8.88 -7.50 -5.60
C TYR B 76 -10.02 -6.58 -5.18
S SO4 C . -1.50 -0.18 -24.26
O1 SO4 C . -0.82 0.09 -23.00
O2 SO4 C . -0.66 -1.22 -24.85
O3 SO4 C . -2.77 -0.90 -24.13
O4 SO4 C . -1.46 1.02 -25.12
CA CA D . 11.36 -2.13 -20.22
C1 GOL E . -5.40 -12.54 -10.97
O1 GOL E . -4.82 -13.36 -12.22
C2 GOL E . -4.63 -12.04 -9.92
O2 GOL E . -3.87 -13.01 -9.38
C3 GOL E . -4.86 -10.86 -9.77
O3 GOL E . -5.34 -9.71 -9.93
C1 GOL F . 20.98 -9.67 -11.48
O1 GOL F . 22.11 -10.83 -11.48
C2 GOL F . 20.04 -9.48 -12.48
O2 GOL F . 20.37 -10.18 -13.57
C3 GOL F . 19.13 -8.77 -12.12
O3 GOL F . 18.42 -8.03 -11.41
C1 GOL G . -14.01 -1.14 -17.24
O1 GOL G . -14.66 -2.52 -16.71
C2 GOL G . -14.71 0.03 -17.56
O2 GOL G . -15.83 0.15 -16.82
C3 GOL G . -14.14 0.63 -18.43
O3 GOL G . -13.29 0.95 -19.29
C1 GOL H . -13.71 -9.83 8.62
O1 GOL H . -13.40 -10.35 10.12
C2 GOL H . -12.79 -9.79 7.57
O2 GOL H . -11.75 -10.62 7.77
C3 GOL H . -13.18 -9.03 6.71
O3 GOL H . -13.88 -8.20 6.10
C1 GOL I . -7.38 1.82 -24.13
O1 GOL I . -7.81 1.71 -25.67
C2 GOL I . -7.51 0.81 -23.17
O2 GOL I . -6.88 -0.31 -23.55
C3 GOL I . -8.16 1.22 -22.23
O3 GOL I . -8.83 1.97 -21.50
C1 GOL J . 12.32 8.41 6.40
O1 GOL J . 13.82 7.82 6.30
C2 GOL J . 11.24 8.06 5.58
O2 GOL J . 11.00 6.74 5.61
C3 GOL J . 10.80 9.06 5.03
O3 GOL J . 10.64 10.23 4.70
C1 GOL K . 14.48 -7.96 6.18
O1 GOL K . 15.68 -6.97 5.73
C2 GOL K . 14.18 -8.33 7.49
O2 GOL K . 14.71 -7.48 8.39
C3 GOL K . 13.50 -9.34 7.49
O3 GOL K . 12.86 -10.32 7.08
C1 GOL L . 17.97 -9.73 -17.28
O1 GOL L . 18.83 -9.03 -18.46
C2 GOL L . 18.19 -9.56 -15.91
O2 GOL L . 19.15 -8.66 -15.67
C3 GOL L . 17.44 -10.29 -15.28
O3 GOL L . 16.57 -11.13 -15.02
C1 GOL M . 4.35 -5.43 -24.74
O1 GOL M . 3.05 -4.99 -23.90
C2 GOL M . 5.55 -5.92 -24.20
O2 GOL M . 5.33 -6.55 -23.04
C3 GOL M . 6.49 -5.62 -24.91
O3 GOL M . 7.15 -5.16 -25.86
C1 GOL N . 1.98 10.58 15.68
O1 GOL N . 2.67 9.30 16.38
C2 GOL N . 2.64 11.72 15.22
O2 GOL N . 3.89 11.80 15.73
C3 GOL N . 1.92 12.35 14.49
O3 GOL N . 0.93 12.68 13.82
C1 GOL O . -5.44 11.53 9.78
O1 GOL O . -5.78 11.75 11.34
C2 GOL O . -4.33 12.05 9.10
O2 GOL O . -3.17 11.54 9.58
C3 GOL O . -4.69 12.84 8.26
O3 GOL O . -5.43 13.54 7.54
C1 GOL P . 7.83 13.87 9.05
O1 GOL P . 8.92 12.86 9.68
C2 GOL P . 7.65 14.13 7.69
O2 GOL P . 8.83 14.18 7.04
C3 GOL P . 6.47 14.24 7.45
O3 GOL P . 5.24 14.28 7.63
C1 GOL Q . 15.30 -15.34 -14.80
O1 GOL Q . 15.04 -16.93 -14.60
C2 GOL Q . 14.65 -14.49 -15.71
O2 GOL Q . 15.53 -13.62 -16.26
C3 GOL Q . 13.46 -14.74 -15.78
O3 GOL Q . 12.36 -15.27 -15.58
S SO4 R . 7.75 -10.00 14.01
O1 SO4 R . 8.38 -10.32 15.30
O2 SO4 R . 7.70 -11.31 13.37
O3 SO4 R . 6.34 -9.65 14.08
O4 SO4 R . 8.63 -9.13 13.21
C1 GOL S . -0.74 -6.74 32.21
O1 GOL S . -1.04 -8.10 31.37
C2 GOL S . -1.20 -6.47 33.51
O2 GOL S . -1.23 -7.58 34.26
C3 GOL S . -1.42 -5.28 33.62
O3 GOL S . -1.54 -4.08 33.36
C1 GOL T . -1.07 8.04 25.39
O1 GOL T . -0.79 7.36 26.83
C2 GOL T . -1.02 7.39 24.15
O2 GOL T . -1.43 6.12 24.24
C3 GOL T . -0.59 8.15 23.30
O3 GOL T . -0.15 9.17 22.76
C1 GOL U . 5.96 0.08 35.35
O1 GOL U . 7.58 0.17 35.27
C2 GOL U . 5.18 -0.95 34.83
O2 GOL U . 5.67 -2.16 35.15
C3 GOL U . 4.24 -0.49 34.20
O3 GOL U . 3.47 0.33 33.67
#